data_8BWW
#
_entry.id   8BWW
#
_entity_poly.entity_id   1
_entity_poly.type   'polypeptide(L)'
_entity_poly.pdbx_seq_one_letter_code
;HVFRLKKWI(MK8)KVI(MK8)QFGE
;
_entity_poly.pdbx_strand_id   A
#
# COMPACT_ATOMS: atom_id res chain seq x y z
N HIS A 1 5.42 8.85 7.11
CA HIS A 1 4.96 7.83 8.07
C HIS A 1 4.78 6.52 7.31
N VAL A 2 5.19 5.36 7.82
CA VAL A 2 5.13 4.06 7.18
C VAL A 2 3.74 3.65 6.70
N PHE A 3 2.65 4.33 7.08
CA PHE A 3 1.35 4.18 6.47
C PHE A 3 1.27 4.86 5.12
N ARG A 4 2.38 5.37 4.57
CA ARG A 4 2.36 5.81 3.19
C ARG A 4 2.18 4.72 2.14
N LEU A 5 2.39 3.49 2.62
CA LEU A 5 2.31 2.23 1.90
C LEU A 5 0.91 2.06 1.31
N LYS A 6 -0.07 2.89 1.68
CA LYS A 6 -1.27 3.21 0.93
C LYS A 6 -1.18 3.62 -0.54
N LYS A 7 -0.39 4.67 -0.79
CA LYS A 7 -0.50 5.57 -1.91
C LYS A 7 0.56 5.38 -2.98
N TRP A 8 1.70 4.77 -2.59
CA TRP A 8 3.05 4.89 -3.10
C TRP A 8 3.47 3.99 -4.26
N ILE A 9 3.03 2.75 -4.29
CA ILE A 9 3.16 1.82 -5.39
C ILE A 9 1.83 1.52 -6.06
N LYS A 11 -0.20 0.17 -2.82
CA LYS A 11 0.89 -0.48 -2.12
C LYS A 11 1.97 -1.23 -2.89
N VAL A 12 1.81 -1.76 -4.10
CA VAL A 12 0.58 -2.36 -4.58
C VAL A 12 -0.05 -3.41 -3.68
N ILE A 13 0.74 -4.13 -2.86
CA ILE A 13 0.52 -5.38 -2.16
C ILE A 13 -0.90 -5.51 -1.62
N GLN A 15 -3.62 -4.47 -2.93
CA GLN A 15 -4.47 -4.85 -4.03
C GLN A 15 -4.50 -6.36 -4.27
N PHE A 16 -3.44 -7.02 -3.78
CA PHE A 16 -3.24 -8.45 -3.92
C PHE A 16 -3.30 -9.22 -2.61
N GLY A 17 -3.74 -8.57 -1.55
CA GLY A 17 -3.53 -9.05 -0.20
C GLY A 17 -4.64 -9.80 0.53
N GLU A 18 -5.67 -10.17 -0.25
CA GLU A 18 -6.77 -11.01 0.16
C GLU A 18 -6.65 -12.42 -0.42
N HIS A 1 9.55 5.57 10.64
CA HIS A 1 8.44 4.60 10.57
C HIS A 1 7.52 5.09 9.46
N VAL A 2 7.07 4.24 8.52
CA VAL A 2 6.23 4.68 7.43
C VAL A 2 5.16 3.66 7.06
N PHE A 3 4.00 3.81 7.70
CA PHE A 3 2.83 2.96 7.52
C PHE A 3 2.00 3.22 6.27
N ARG A 4 2.23 4.41 5.72
CA ARG A 4 1.49 4.91 4.57
C ARG A 4 1.74 4.25 3.22
N LEU A 5 2.71 3.33 3.23
CA LEU A 5 3.09 2.41 2.17
C LEU A 5 1.81 1.72 1.72
N LYS A 6 0.91 1.35 2.62
CA LYS A 6 -0.39 0.77 2.34
C LYS A 6 -1.03 1.35 1.08
N LYS A 7 -1.14 2.68 1.02
CA LYS A 7 -1.89 3.46 0.06
C LYS A 7 -1.15 4.28 -0.99
N TRP A 8 0.13 4.58 -0.78
CA TRP A 8 0.89 5.47 -1.64
C TRP A 8 1.60 4.78 -2.81
N ILE A 9 1.91 3.48 -2.83
CA ILE A 9 2.56 2.78 -3.91
C ILE A 9 1.85 1.76 -4.79
N LYS A 11 -0.01 -0.27 -2.06
CA LYS A 11 1.25 -0.86 -1.64
C LYS A 11 2.16 -1.45 -2.71
N VAL A 12 1.85 -1.80 -3.97
CA VAL A 12 0.68 -2.36 -4.62
C VAL A 12 0.08 -3.44 -3.75
N ILE A 13 0.79 -4.01 -2.75
CA ILE A 13 0.50 -5.27 -2.12
C ILE A 13 -0.87 -5.45 -1.49
N GLN A 15 -3.54 -4.48 -2.95
CA GLN A 15 -4.48 -4.90 -3.96
C GLN A 15 -4.58 -6.41 -4.18
N PHE A 16 -3.56 -7.12 -3.71
CA PHE A 16 -3.32 -8.52 -4.01
C PHE A 16 -3.17 -9.41 -2.78
N GLY A 17 -3.06 -8.78 -1.61
CA GLY A 17 -2.53 -9.34 -0.37
C GLY A 17 -3.35 -10.48 0.19
N GLU A 18 -4.67 -10.46 -0.01
CA GLU A 18 -5.66 -11.46 0.37
C GLU A 18 -6.64 -11.84 -0.72
N HIS A 1 5.38 8.66 8.18
CA HIS A 1 4.92 7.31 8.55
C HIS A 1 4.77 6.31 7.42
N VAL A 2 5.10 5.04 7.70
CA VAL A 2 5.01 3.89 6.83
C VAL A 2 3.57 3.68 6.35
N PHE A 3 2.50 4.28 6.86
CA PHE A 3 1.22 4.37 6.19
C PHE A 3 1.31 5.05 4.83
N ARG A 4 2.45 5.56 4.37
CA ARG A 4 2.64 5.79 2.95
C ARG A 4 2.59 4.53 2.08
N LEU A 5 2.47 3.34 2.66
CA LEU A 5 2.21 2.08 1.99
C LEU A 5 0.80 2.01 1.40
N LYS A 6 0.07 3.11 1.56
CA LYS A 6 -1.02 3.39 0.62
C LYS A 6 -0.65 3.80 -0.79
N LYS A 7 0.22 4.82 -0.87
CA LYS A 7 0.49 5.72 -1.96
C LYS A 7 1.75 5.58 -2.80
N TRP A 8 2.70 4.84 -2.22
CA TRP A 8 4.08 4.90 -2.70
C TRP A 8 4.47 3.86 -3.74
N ILE A 9 3.81 2.71 -3.86
CA ILE A 9 3.78 2.00 -5.12
C ILE A 9 2.37 2.01 -5.72
N LYS A 11 0.06 0.35 -2.75
CA LYS A 11 0.91 -0.55 -2.01
C LYS A 11 2.04 -1.21 -2.78
N VAL A 12 1.80 -1.74 -4.00
CA VAL A 12 0.60 -2.32 -4.54
C VAL A 12 0.17 -3.56 -3.76
N ILE A 13 0.90 -4.07 -2.77
CA ILE A 13 0.57 -5.34 -2.16
C ILE A 13 -0.85 -5.39 -1.63
N GLN A 15 -3.53 -4.41 -2.96
CA GLN A 15 -4.48 -4.81 -3.99
C GLN A 15 -4.50 -6.31 -4.26
N PHE A 16 -3.52 -7.12 -3.88
CA PHE A 16 -3.31 -8.55 -3.91
C PHE A 16 -3.31 -9.27 -2.57
N GLY A 17 -3.74 -8.55 -1.54
CA GLY A 17 -3.42 -8.80 -0.15
C GLY A 17 -4.04 -10.06 0.46
N GLU A 18 -5.14 -10.52 -0.11
CA GLU A 18 -5.99 -11.59 0.39
C GLU A 18 -5.88 -12.86 -0.44
N HIS A 1 6.47 8.70 7.86
CA HIS A 1 6.28 7.33 8.36
C HIS A 1 6.04 6.39 7.18
N VAL A 2 6.85 5.34 7.04
CA VAL A 2 6.89 4.50 5.86
C VAL A 2 5.61 3.71 5.61
N PHE A 3 4.66 3.65 6.54
CA PHE A 3 3.28 3.37 6.18
C PHE A 3 2.71 4.13 5.01
N ARG A 4 3.35 5.25 4.64
CA ARG A 4 2.99 6.11 3.53
C ARG A 4 3.28 5.45 2.19
N LEU A 5 3.55 4.14 2.14
CA LEU A 5 3.56 3.29 0.96
C LEU A 5 2.12 3.04 0.53
N LYS A 6 1.14 3.22 1.40
CA LYS A 6 -0.21 2.69 1.33
C LYS A 6 -1.06 2.92 0.09
N LYS A 7 -1.06 4.18 -0.34
CA LYS A 7 -1.99 4.71 -1.33
C LYS A 7 -1.30 5.15 -2.61
N TRP A 8 0.04 5.34 -2.70
CA TRP A 8 0.68 5.91 -3.86
C TRP A 8 1.04 4.90 -4.95
N ILE A 9 1.50 3.68 -4.67
CA ILE A 9 2.04 2.72 -5.60
C ILE A 9 1.23 1.53 -6.09
N LYS A 11 -0.24 0.20 -2.63
CA LYS A 11 0.87 -0.36 -1.92
C LYS A 11 1.99 -0.98 -2.75
N VAL A 12 1.83 -1.55 -3.94
CA VAL A 12 0.77 -2.28 -4.60
C VAL A 12 0.05 -3.27 -3.69
N ILE A 13 0.84 -3.84 -2.76
CA ILE A 13 0.65 -5.14 -2.12
C ILE A 13 -0.80 -5.41 -1.75
N GLN A 15 -3.65 -4.51 -2.89
CA GLN A 15 -4.51 -4.91 -3.98
C GLN A 15 -4.75 -6.41 -4.07
N PHE A 16 -3.66 -7.17 -3.84
CA PHE A 16 -3.48 -8.60 -3.94
C PHE A 16 -3.48 -9.42 -2.66
N GLY A 17 -3.10 -8.78 -1.55
CA GLY A 17 -3.15 -9.14 -0.14
C GLY A 17 -4.56 -9.16 0.46
N GLU A 18 -5.71 -8.95 -0.17
CA GLU A 18 -7.05 -8.99 0.39
C GLU A 18 -8.06 -9.22 -0.72
N HIS A 1 5.24 9.27 7.52
CA HIS A 1 5.20 8.02 8.31
C HIS A 1 4.85 6.79 7.48
N VAL A 2 5.51 5.64 7.64
CA VAL A 2 5.39 4.44 6.85
C VAL A 2 4.00 3.93 6.47
N PHE A 3 3.00 4.27 7.28
CA PHE A 3 1.61 4.11 6.93
C PHE A 3 1.26 4.59 5.52
N ARG A 4 1.95 5.57 4.94
CA ARG A 4 1.94 5.92 3.54
C ARG A 4 2.04 4.79 2.51
N LEU A 5 2.52 3.62 2.96
CA LEU A 5 2.39 2.37 2.26
C LEU A 5 0.98 2.10 1.81
N LYS A 6 -0.04 2.78 2.37
CA LYS A 6 -1.35 2.87 1.75
C LYS A 6 -1.32 3.09 0.23
N LYS A 7 -0.70 4.24 -0.06
CA LYS A 7 -0.97 5.09 -1.19
C LYS A 7 0.20 5.26 -2.15
N TRP A 8 1.42 4.87 -1.78
CA TRP A 8 2.65 5.29 -2.41
C TRP A 8 2.90 4.61 -3.75
N ILE A 9 2.85 3.27 -3.73
CA ILE A 9 3.12 2.45 -4.90
C ILE A 9 1.90 1.99 -5.69
N LYS A 11 -0.19 0.21 -2.54
CA LYS A 11 0.84 -0.41 -1.72
C LYS A 11 2.00 -1.04 -2.47
N VAL A 12 1.94 -1.50 -3.73
CA VAL A 12 0.85 -2.10 -4.47
C VAL A 12 0.20 -3.33 -3.84
N ILE A 13 0.88 -3.97 -2.88
CA ILE A 13 0.55 -5.26 -2.32
C ILE A 13 -0.88 -5.40 -1.81
N GLN A 15 -3.59 -4.51 -3.01
CA GLN A 15 -4.49 -4.92 -4.06
C GLN A 15 -4.52 -6.43 -4.27
N PHE A 16 -3.58 -7.19 -3.71
CA PHE A 16 -3.50 -8.64 -3.75
C PHE A 16 -3.55 -9.32 -2.39
N GLY A 17 -3.28 -8.60 -1.32
CA GLY A 17 -2.90 -9.10 -0.02
C GLY A 17 -4.04 -9.17 0.98
N GLU A 18 -5.17 -8.46 0.84
CA GLU A 18 -6.25 -8.57 1.80
C GLU A 18 -7.59 -8.32 1.16
N HIS A 1 0.94 8.24 8.92
CA HIS A 1 0.53 6.91 9.41
C HIS A 1 0.59 5.93 8.25
N VAL A 2 0.72 4.61 8.41
CA VAL A 2 1.07 3.70 7.33
C VAL A 2 -0.08 3.38 6.37
N PHE A 3 -1.27 3.93 6.61
CA PHE A 3 -2.28 3.84 5.58
C PHE A 3 -1.89 4.77 4.43
N ARG A 4 -0.81 5.53 4.49
CA ARG A 4 -0.17 6.18 3.36
C ARG A 4 0.28 5.18 2.30
N LEU A 5 0.50 3.90 2.61
CA LEU A 5 0.98 2.94 1.64
C LEU A 5 -0.21 2.42 0.83
N LYS A 6 -1.45 2.83 1.08
CA LYS A 6 -2.58 2.47 0.25
C LYS A 6 -2.40 3.09 -1.13
N LYS A 7 -1.82 4.30 -1.23
CA LYS A 7 -1.84 5.26 -2.29
C LYS A 7 -0.56 5.43 -3.11
N TRP A 8 0.57 4.90 -2.64
CA TRP A 8 1.91 5.27 -2.99
C TRP A 8 2.52 4.49 -4.16
N ILE A 9 2.43 3.16 -4.14
CA ILE A 9 2.60 2.34 -5.33
C ILE A 9 1.27 1.97 -5.98
N LYS A 11 -0.46 0.03 -2.92
CA LYS A 11 0.65 -0.41 -2.11
C LYS A 11 1.90 -0.92 -2.85
N VAL A 12 1.82 -1.55 -4.01
CA VAL A 12 0.66 -2.20 -4.63
C VAL A 12 0.06 -3.31 -3.78
N ILE A 13 0.81 -3.90 -2.84
CA ILE A 13 0.62 -5.14 -2.11
C ILE A 13 -0.80 -5.38 -1.62
N GLN A 15 -3.49 -4.59 -2.88
CA GLN A 15 -4.24 -4.89 -4.09
C GLN A 15 -4.40 -6.38 -4.36
N PHE A 16 -3.50 -7.21 -3.82
CA PHE A 16 -3.63 -8.65 -3.89
C PHE A 16 -3.69 -9.31 -2.52
N GLY A 17 -3.73 -8.50 -1.46
CA GLY A 17 -3.64 -8.93 -0.08
C GLY A 17 -4.79 -8.56 0.86
N GLU A 18 -5.76 -7.77 0.41
CA GLU A 18 -7.02 -7.47 1.04
C GLU A 18 -8.20 -7.80 0.14
N HIS A 1 -0.50 11.05 6.27
CA HIS A 1 -0.76 9.91 7.18
C HIS A 1 -0.48 8.64 6.38
N VAL A 2 0.30 7.78 7.04
CA VAL A 2 0.84 6.53 6.52
C VAL A 2 -0.13 5.48 6.02
N PHE A 3 -1.40 5.68 6.35
CA PHE A 3 -2.48 5.01 5.69
C PHE A 3 -2.46 5.11 4.16
N ARG A 4 -1.85 6.13 3.57
CA ARG A 4 -1.80 6.38 2.15
C ARG A 4 -1.07 5.34 1.31
N LEU A 5 -0.41 4.41 1.99
CA LEU A 5 0.09 3.13 1.56
C LEU A 5 -0.98 2.35 0.80
N LYS A 6 -2.24 2.55 1.15
CA LYS A 6 -3.40 2.00 0.47
C LYS A 6 -3.42 2.36 -1.00
N LYS A 7 -3.25 3.65 -1.28
CA LYS A 7 -3.70 4.43 -2.41
C LYS A 7 -2.66 4.66 -3.50
N TRP A 8 -1.42 4.74 -3.00
CA TRP A 8 -0.29 5.42 -3.62
C TRP A 8 0.57 4.75 -4.67
N ILE A 9 0.86 3.46 -4.47
CA ILE A 9 1.52 2.62 -5.45
C ILE A 9 0.56 1.66 -6.19
N LYS A 11 -0.89 -0.30 -2.91
CA LYS A 11 0.39 -0.38 -2.21
C LYS A 11 1.65 -0.66 -3.01
N VAL A 12 1.81 -1.61 -3.92
CA VAL A 12 0.77 -2.33 -4.64
C VAL A 12 0.13 -3.42 -3.79
N ILE A 13 0.85 -3.97 -2.79
CA ILE A 13 0.58 -5.21 -2.11
C ILE A 13 -0.87 -5.39 -1.71
N GLN A 15 -3.65 -4.46 -2.89
CA GLN A 15 -4.57 -4.89 -3.94
C GLN A 15 -4.57 -6.38 -4.20
N PHE A 16 -3.51 -7.10 -3.85
CA PHE A 16 -3.35 -8.54 -3.98
C PHE A 16 -3.65 -9.17 -2.64
N GLY A 17 -3.34 -8.49 -1.54
CA GLY A 17 -3.33 -9.02 -0.19
C GLY A 17 -4.50 -8.81 0.76
N GLU A 18 -5.59 -8.21 0.24
CA GLU A 18 -6.78 -7.83 0.95
C GLU A 18 -8.05 -8.03 0.12
N HIS A 1 9.20 8.15 4.33
CA HIS A 1 9.47 6.75 4.64
C HIS A 1 8.56 5.93 3.72
N VAL A 2 9.02 4.79 3.20
CA VAL A 2 8.44 3.95 2.17
C VAL A 2 7.09 3.32 2.50
N PHE A 3 6.65 3.37 3.76
CA PHE A 3 5.34 2.97 4.23
C PHE A 3 4.33 3.86 3.53
N ARG A 4 4.69 5.04 3.01
CA ARG A 4 3.81 5.91 2.25
C ARG A 4 3.33 5.38 0.90
N LEU A 5 3.84 4.26 0.44
CA LEU A 5 3.31 3.57 -0.73
C LEU A 5 1.93 2.97 -0.50
N LYS A 6 1.60 2.77 0.76
CA LYS A 6 0.43 2.00 1.16
C LYS A 6 -0.91 2.18 0.45
N LYS A 7 -1.37 3.42 0.23
CA LYS A 7 -2.53 3.81 -0.53
C LYS A 7 -2.16 4.14 -1.97
N TRP A 8 -0.86 4.36 -2.20
CA TRP A 8 -0.21 5.08 -3.27
C TRP A 8 0.25 4.29 -4.49
N ILE A 9 0.91 3.15 -4.31
CA ILE A 9 1.49 2.35 -5.36
C ILE A 9 0.69 1.22 -5.97
N LYS A 11 -0.42 -0.30 -2.57
CA LYS A 11 0.97 -0.44 -2.14
C LYS A 11 1.97 -1.03 -3.10
N VAL A 12 1.67 -1.78 -4.17
CA VAL A 12 0.54 -2.56 -4.62
C VAL A 12 0.04 -3.67 -3.70
N ILE A 13 0.83 -4.03 -2.68
CA ILE A 13 0.63 -5.28 -1.99
C ILE A 13 -0.80 -5.44 -1.52
N GLN A 15 -3.69 -4.39 -2.83
CA GLN A 15 -4.58 -4.89 -3.85
C GLN A 15 -4.56 -6.38 -4.18
N PHE A 16 -3.37 -7.00 -4.12
CA PHE A 16 -3.21 -8.43 -4.18
C PHE A 16 -3.44 -9.17 -2.87
N GLY A 17 -3.48 -8.40 -1.79
CA GLY A 17 -3.54 -8.80 -0.39
C GLY A 17 -4.94 -9.09 0.12
N GLU A 18 -5.90 -8.16 -0.03
CA GLU A 18 -7.17 -8.27 0.65
C GLU A 18 -8.36 -8.08 -0.29
N HIS A 1 4.56 9.50 6.59
CA HIS A 1 3.56 8.73 7.33
C HIS A 1 3.38 7.39 6.64
N VAL A 2 3.58 6.22 7.25
CA VAL A 2 3.36 4.89 6.72
C VAL A 2 1.92 4.61 6.30
N PHE A 3 0.95 5.47 6.63
CA PHE A 3 -0.31 5.32 5.93
C PHE A 3 -0.27 5.66 4.44
N ARG A 4 0.89 6.14 3.93
CA ARG A 4 1.22 6.40 2.55
C ARG A 4 1.43 5.16 1.71
N LEU A 5 1.44 3.99 2.35
CA LEU A 5 1.54 2.74 1.63
C LEU A 5 0.27 2.47 0.82
N LYS A 6 -0.77 3.30 0.95
CA LYS A 6 -1.93 3.31 0.09
C LYS A 6 -1.57 3.73 -1.33
N LYS A 7 -0.73 4.78 -1.41
CA LYS A 7 -0.74 5.78 -2.44
C LYS A 7 0.41 5.67 -3.43
N TRP A 8 1.46 5.02 -2.95
CA TRP A 8 2.84 5.23 -3.34
C TRP A 8 3.48 4.31 -4.36
N ILE A 9 3.23 2.99 -4.34
CA ILE A 9 3.30 2.09 -5.48
C ILE A 9 1.98 1.79 -6.18
N LYS A 11 -0.10 0.35 -2.89
CA LYS A 11 0.87 -0.32 -2.07
C LYS A 11 2.06 -0.93 -2.78
N VAL A 12 1.99 -1.65 -3.91
CA VAL A 12 0.81 -2.23 -4.54
C VAL A 12 0.08 -3.36 -3.82
N ILE A 13 0.72 -3.97 -2.83
CA ILE A 13 0.45 -5.29 -2.30
C ILE A 13 -0.95 -5.34 -1.71
N GLN A 15 -3.57 -4.44 -2.91
CA GLN A 15 -4.45 -4.91 -3.94
C GLN A 15 -4.56 -6.43 -4.12
N PHE A 16 -3.51 -7.15 -3.77
CA PHE A 16 -3.36 -8.59 -3.89
C PHE A 16 -3.35 -9.33 -2.57
N GLY A 17 -3.13 -8.56 -1.51
CA GLY A 17 -2.54 -8.98 -0.24
C GLY A 17 -3.48 -8.77 0.95
N GLU A 18 -4.78 -8.51 0.81
CA GLU A 18 -5.76 -8.42 1.86
C GLU A 18 -7.15 -8.84 1.41
N HIS A 1 4.17 6.42 9.91
CA HIS A 1 3.07 6.61 8.95
C HIS A 1 3.32 5.72 7.75
N VAL A 2 2.53 4.65 7.67
CA VAL A 2 2.55 3.62 6.65
C VAL A 2 1.28 3.49 5.81
N PHE A 3 0.22 4.18 6.25
CA PHE A 3 -1.03 4.16 5.52
C PHE A 3 -1.01 5.08 4.30
N ARG A 4 0.09 5.84 4.18
CA ARG A 4 0.48 6.48 2.95
C ARG A 4 0.96 5.50 1.89
N LEU A 5 1.14 4.23 2.25
CA LEU A 5 1.46 3.16 1.33
C LEU A 5 0.21 2.80 0.53
N LYS A 6 -0.92 3.49 0.75
CA LYS A 6 -2.02 3.41 -0.19
C LYS A 6 -1.80 4.06 -1.54
N LYS A 7 -0.78 4.92 -1.66
CA LYS A 7 -0.51 5.85 -2.73
C LYS A 7 0.66 5.56 -3.65
N TRP A 8 1.71 4.97 -3.10
CA TRP A 8 3.11 5.18 -3.46
C TRP A 8 3.59 4.20 -4.53
N ILE A 9 3.17 2.93 -4.47
CA ILE A 9 3.16 2.12 -5.67
C ILE A 9 1.83 1.92 -6.41
N LYS A 11 -0.14 0.40 -3.15
CA LYS A 11 0.88 -0.27 -2.36
C LYS A 11 2.05 -0.96 -3.05
N VAL A 12 1.93 -1.74 -4.14
CA VAL A 12 0.73 -2.36 -4.63
C VAL A 12 0.05 -3.32 -3.67
N ILE A 13 0.83 -3.94 -2.79
CA ILE A 13 0.54 -5.21 -2.15
C ILE A 13 -0.91 -5.45 -1.76
N GLN A 15 -3.67 -4.51 -2.82
CA GLN A 15 -4.49 -4.85 -3.97
C GLN A 15 -4.43 -6.33 -4.32
N PHE A 16 -3.57 -7.14 -3.69
CA PHE A 16 -3.33 -8.54 -3.97
C PHE A 16 -3.37 -9.41 -2.72
N GLY A 17 -3.26 -8.76 -1.55
CA GLY A 17 -2.81 -9.35 -0.31
C GLY A 17 -3.93 -9.58 0.68
N GLU A 18 -5.20 -9.35 0.35
CA GLU A 18 -6.35 -9.54 1.21
C GLU A 18 -7.20 -10.75 0.83
#